data_3K4O
#
_entry.id   3K4O
#
_cell.length_a   76.200
_cell.length_b   99.700
_cell.length_c   87.700
_cell.angle_alpha   90.00
_cell.angle_beta   90.00
_cell.angle_gamma   90.00
#
_symmetry.space_group_name_H-M   'P 21 21 2'
#
loop_
_entity.id
_entity.type
_entity.pdbx_description
1 polymer 'isopentenyl phosphate kinase'
2 non-polymer 'MERCURY (II) ION'
3 non-polymer 'SULFATE ION'
4 water water
#
_entity_poly.entity_id   1
_entity_poly.type   'polypeptide(L)'
_entity_poly.pdbx_seq_one_letter_code
;GSHGGSMLTILKLGGSILSDKNVPYSIKWDNLERIAMEIKNALDYYKNQNKEIKLILVHGGGAFGHPVAKKYLKIEDGKK
IFINMEKGFWEIQRAMRRFNNIIIDTLQSYDIPAVSIQPSSFVVFGDKLIFDTSAIKEMLKRNLVPVIHGDIVIDDKNGY
RIISGDDIVPYLANELKADLILYATDVDGVLIDNKPIKRIDKNNIYKILNYLSGSNSIDVTGGMKYKIEMIRKNKCRGFV
FNGNKANNIYKALLGEVEGTEIDFSE
;
_entity_poly.pdbx_strand_id   A,B
#
loop_
_chem_comp.id
_chem_comp.type
_chem_comp.name
_chem_comp.formula
HG non-polymer 'MERCURY (II) ION' 'Hg 2'
SO4 non-polymer 'SULFATE ION' 'O4 S -2'
#
# COMPACT_ATOMS: atom_id res chain seq x y z
N MET A 7 13.41 19.83 7.81
CA MET A 7 14.36 18.77 8.24
C MET A 7 13.75 17.39 8.02
N LEU A 8 14.10 16.76 6.90
CA LEU A 8 13.59 15.43 6.61
C LEU A 8 14.67 14.38 6.79
N THR A 9 14.38 13.39 7.63
CA THR A 9 15.30 12.29 7.89
C THR A 9 14.64 10.97 7.49
N ILE A 10 15.40 10.10 6.84
CA ILE A 10 14.91 8.78 6.45
C ILE A 10 15.78 7.78 7.18
N LEU A 11 15.15 7.01 8.07
CA LEU A 11 15.86 6.02 8.86
C LEU A 11 15.53 4.61 8.41
N LYS A 12 16.55 3.88 7.97
CA LYS A 12 16.39 2.52 7.51
C LYS A 12 16.73 1.53 8.61
N LEU A 13 15.76 0.71 9.00
CA LEU A 13 16.00 -0.27 10.04
C LEU A 13 16.37 -1.54 9.28
N GLY A 14 17.68 -1.72 9.07
CA GLY A 14 18.14 -2.85 8.31
C GLY A 14 18.85 -3.96 9.04
N GLY A 15 19.89 -4.50 8.41
CA GLY A 15 20.63 -5.61 8.98
C GLY A 15 19.59 -6.63 9.37
N SER A 16 19.78 -7.25 10.53
CA SER A 16 18.81 -8.21 11.01
C SER A 16 18.39 -7.72 12.38
N ILE A 17 18.36 -6.39 12.56
CA ILE A 17 18.02 -5.85 13.87
C ILE A 17 16.57 -6.06 14.29
N LEU A 18 15.67 -6.27 13.33
CA LEU A 18 14.25 -6.48 13.66
C LEU A 18 13.80 -7.92 13.52
N SER A 19 14.57 -8.71 12.78
CA SER A 19 14.18 -10.09 12.55
C SER A 19 15.35 -10.95 12.11
N ASP A 20 15.36 -12.18 12.60
CA ASP A 20 16.41 -13.14 12.25
C ASP A 20 15.96 -13.91 11.00
N LYS A 21 16.56 -13.59 9.86
CA LYS A 21 16.25 -14.22 8.58
C LYS A 21 16.26 -15.75 8.62
N ASN A 22 17.04 -16.32 9.54
CA ASN A 22 17.14 -17.77 9.67
C ASN A 22 15.90 -18.37 10.30
N VAL A 23 15.41 -17.76 11.36
CA VAL A 23 14.23 -18.25 12.04
C VAL A 23 12.99 -17.72 11.32
N PRO A 24 12.24 -18.61 10.65
CA PRO A 24 11.04 -18.21 9.92
C PRO A 24 10.04 -17.40 10.72
N TYR A 25 9.65 -16.26 10.16
CA TYR A 25 8.69 -15.36 10.80
C TYR A 25 9.12 -14.91 12.19
N SER A 26 10.43 -14.86 12.43
CA SER A 26 10.95 -14.43 13.72
C SER A 26 10.90 -12.91 13.83
N ILE A 27 10.67 -12.44 15.05
CA ILE A 27 10.60 -11.01 15.35
C ILE A 27 11.49 -10.77 16.58
N LYS A 28 12.42 -9.83 16.49
CA LYS A 28 13.27 -9.53 17.64
C LYS A 28 12.50 -8.47 18.43
N TRP A 29 11.52 -8.96 19.19
CA TRP A 29 10.66 -8.07 19.96
C TRP A 29 11.37 -7.07 20.83
N ASP A 30 12.34 -7.53 21.61
CA ASP A 30 13.07 -6.65 22.52
C ASP A 30 13.79 -5.53 21.79
N ASN A 31 14.43 -5.86 20.68
CA ASN A 31 15.16 -4.88 19.89
C ASN A 31 14.17 -3.89 19.29
N LEU A 32 13.10 -4.41 18.73
CA LEU A 32 12.08 -3.58 18.11
C LEU A 32 11.51 -2.56 19.10
N GLU A 33 11.26 -3.01 20.32
CA GLU A 33 10.71 -2.12 21.33
C GLU A 33 11.73 -1.05 21.76
N ARG A 34 13.01 -1.42 21.85
CA ARG A 34 14.03 -0.44 22.22
C ARG A 34 14.17 0.58 21.09
N ILE A 35 14.14 0.10 19.85
CA ILE A 35 14.25 0.97 18.70
C ILE A 35 13.06 1.94 18.72
N ALA A 36 11.88 1.42 19.02
CA ALA A 36 10.71 2.28 19.08
C ALA A 36 10.91 3.32 20.18
N MET A 37 11.46 2.89 21.32
CA MET A 37 11.68 3.80 22.44
C MET A 37 12.57 4.96 22.04
N GLU A 38 13.67 4.64 21.36
CA GLU A 38 14.62 5.63 20.94
C GLU A 38 14.06 6.61 19.93
N ILE A 39 13.24 6.10 19.01
CA ILE A 39 12.63 6.95 18.02
C ILE A 39 11.70 7.94 18.73
N LYS A 40 10.93 7.43 19.69
CA LYS A 40 10.02 8.27 20.46
C LYS A 40 10.82 9.30 21.25
N ASN A 41 11.87 8.83 21.92
CA ASN A 41 12.72 9.72 22.70
C ASN A 41 13.24 10.85 21.83
N ALA A 42 13.64 10.53 20.60
CA ALA A 42 14.17 11.55 19.69
C ALA A 42 13.08 12.53 19.26
N LEU A 43 11.90 12.01 18.94
CA LEU A 43 10.79 12.87 18.53
C LEU A 43 10.41 13.81 19.68
N ASP A 44 10.48 13.32 20.91
CA ASP A 44 10.16 14.15 22.07
C ASP A 44 11.22 15.23 22.21
N TYR A 45 12.49 14.86 22.02
CA TYR A 45 13.59 15.80 22.13
C TYR A 45 13.37 16.97 21.19
N TYR A 46 13.13 16.66 19.92
CA TYR A 46 12.90 17.71 18.92
C TYR A 46 11.75 18.63 19.31
N LYS A 47 10.67 18.06 19.81
CA LYS A 47 9.51 18.86 20.21
C LYS A 47 9.88 19.84 21.32
N ASN A 48 10.63 19.36 22.31
CA ASN A 48 11.04 20.21 23.42
C ASN A 48 12.02 21.30 22.95
N GLN A 49 12.86 20.96 22.00
CA GLN A 49 13.83 21.90 21.46
C GLN A 49 13.17 22.77 20.40
N ASN A 50 11.87 22.61 20.25
CA ASN A 50 11.11 23.36 19.25
C ASN A 50 11.78 23.30 17.89
N LYS A 51 12.30 22.12 17.53
CA LYS A 51 12.94 21.93 16.24
C LYS A 51 12.05 21.00 15.42
N GLU A 52 11.75 21.40 14.19
CA GLU A 52 10.89 20.60 13.31
C GLU A 52 11.63 19.40 12.72
N ILE A 53 10.96 18.26 12.68
CA ILE A 53 11.56 17.06 12.11
C ILE A 53 10.52 16.16 11.45
N LYS A 54 10.76 15.86 10.18
CA LYS A 54 9.88 14.98 9.43
C LYS A 54 10.67 13.67 9.38
N LEU A 55 9.99 12.55 9.61
CA LEU A 55 10.67 11.26 9.63
C LEU A 55 9.98 10.17 8.83
N ILE A 56 10.78 9.43 8.07
CA ILE A 56 10.30 8.31 7.27
C ILE A 56 11.12 7.11 7.71
N LEU A 57 10.44 6.01 8.01
CA LEU A 57 11.10 4.78 8.42
C LEU A 57 10.97 3.78 7.28
N VAL A 58 12.02 3.00 7.07
CA VAL A 58 12.03 2.00 6.02
C VAL A 58 12.54 0.71 6.65
N HIS A 59 11.91 -0.42 6.33
CA HIS A 59 12.37 -1.70 6.84
C HIS A 59 12.22 -2.78 5.78
N GLY A 60 13.06 -3.81 5.89
CA GLY A 60 13.03 -4.92 4.95
C GLY A 60 12.05 -6.02 5.33
N GLY A 61 12.04 -7.11 4.57
CA GLY A 61 11.13 -8.20 4.85
C GLY A 61 11.53 -9.11 5.99
N GLY A 62 12.78 -9.05 6.38
CA GLY A 62 13.25 -9.90 7.47
C GLY A 62 12.87 -11.35 7.21
N ALA A 63 12.47 -12.05 8.26
CA ALA A 63 12.10 -13.45 8.15
C ALA A 63 10.71 -13.61 7.56
N PHE A 64 10.12 -12.51 7.09
CA PHE A 64 8.78 -12.58 6.53
C PHE A 64 8.75 -12.62 5.01
N GLY A 65 9.43 -11.66 4.38
CA GLY A 65 9.46 -11.60 2.93
C GLY A 65 10.23 -12.71 2.24
N HIS A 66 11.56 -12.62 2.28
CA HIS A 66 12.41 -13.61 1.62
C HIS A 66 11.98 -15.07 1.75
N PRO A 67 11.66 -15.54 2.97
CA PRO A 67 11.24 -16.93 3.15
C PRO A 67 10.05 -17.29 2.27
N VAL A 68 9.13 -16.34 2.08
CA VAL A 68 7.96 -16.59 1.24
C VAL A 68 8.31 -16.42 -0.23
N ALA A 69 9.05 -15.36 -0.55
CA ALA A 69 9.43 -15.10 -1.95
C ALA A 69 10.20 -16.25 -2.58
N LYS A 70 11.09 -16.88 -1.81
CA LYS A 70 11.91 -17.98 -2.30
C LYS A 70 11.11 -19.09 -2.98
N LYS A 71 9.91 -19.35 -2.47
CA LYS A 71 9.05 -20.39 -3.04
C LYS A 71 8.61 -20.05 -4.46
N TYR A 72 8.63 -18.77 -4.79
CA TYR A 72 8.20 -18.32 -6.12
C TYR A 72 9.34 -17.82 -6.97
N LEU A 73 10.56 -18.09 -6.54
CA LEU A 73 11.74 -17.68 -7.29
C LEU A 73 12.42 -18.86 -7.96
N LYS A 74 12.91 -18.64 -9.17
CA LYS A 74 13.59 -19.67 -9.92
C LYS A 74 14.72 -19.04 -10.71
N ILE A 75 15.68 -19.87 -11.08
CA ILE A 75 16.80 -19.39 -11.88
C ILE A 75 16.66 -20.04 -13.24
N GLU A 76 16.43 -19.21 -14.26
CA GLU A 76 16.27 -19.69 -15.62
C GLU A 76 17.26 -18.97 -16.53
N ASP A 77 18.06 -19.73 -17.26
CA ASP A 77 19.05 -19.17 -18.16
C ASP A 77 19.90 -18.17 -17.38
N GLY A 78 20.35 -18.58 -16.20
CA GLY A 78 21.17 -17.73 -15.36
C GLY A 78 20.53 -16.37 -15.10
N LYS A 79 19.26 -16.38 -14.72
CA LYS A 79 18.53 -15.15 -14.43
C LYS A 79 17.44 -15.46 -13.42
N LYS A 80 17.10 -14.48 -12.59
CA LYS A 80 16.06 -14.66 -11.60
C LYS A 80 14.71 -14.47 -12.27
N ILE A 81 13.76 -15.34 -11.95
CA ILE A 81 12.43 -15.22 -12.53
C ILE A 81 11.37 -15.68 -11.52
N PHE A 82 10.32 -14.88 -11.38
CA PHE A 82 9.23 -15.21 -10.46
C PHE A 82 8.21 -16.09 -11.18
N ILE A 83 7.74 -17.13 -10.51
CA ILE A 83 6.76 -18.04 -11.11
C ILE A 83 5.54 -18.18 -10.21
N ASN A 84 4.48 -18.78 -10.75
CA ASN A 84 3.23 -19.02 -10.02
C ASN A 84 2.80 -17.80 -9.20
N MET A 85 2.96 -16.62 -9.78
CA MET A 85 2.60 -15.40 -9.06
C MET A 85 1.10 -15.16 -8.90
N GLU A 86 0.27 -15.99 -9.53
CA GLU A 86 -1.17 -15.82 -9.36
C GLU A 86 -1.44 -16.14 -7.89
N LYS A 87 -0.47 -16.81 -7.27
CA LYS A 87 -0.53 -17.15 -5.86
C LYS A 87 0.57 -16.40 -5.12
N GLY A 88 1.74 -16.36 -5.73
CA GLY A 88 2.88 -15.69 -5.14
C GLY A 88 2.83 -14.20 -4.82
N PHE A 89 2.24 -13.40 -5.70
CA PHE A 89 2.19 -11.96 -5.43
C PHE A 89 1.47 -11.69 -4.10
N TRP A 90 0.29 -12.28 -3.95
CA TRP A 90 -0.47 -12.12 -2.72
C TRP A 90 0.23 -12.71 -1.50
N GLU A 91 0.75 -13.93 -1.64
CA GLU A 91 1.43 -14.58 -0.52
C GLU A 91 2.58 -13.73 0.00
N ILE A 92 3.31 -13.10 -0.91
CA ILE A 92 4.42 -12.24 -0.49
C ILE A 92 3.86 -10.96 0.13
N GLN A 93 2.86 -10.35 -0.51
CA GLN A 93 2.24 -9.14 0.01
C GLN A 93 1.75 -9.40 1.42
N ARG A 94 1.10 -10.54 1.59
CA ARG A 94 0.53 -10.94 2.87
C ARG A 94 1.58 -11.03 3.97
N ALA A 95 2.72 -11.65 3.67
CA ALA A 95 3.80 -11.80 4.65
C ALA A 95 4.37 -10.42 5.02
N MET A 96 4.59 -9.56 4.03
CA MET A 96 5.12 -8.22 4.30
C MET A 96 4.13 -7.38 5.09
N ARG A 97 2.85 -7.47 4.72
CA ARG A 97 1.80 -6.74 5.42
C ARG A 97 1.79 -7.06 6.92
N ARG A 98 1.99 -8.34 7.23
CA ARG A 98 2.00 -8.78 8.62
C ARG A 98 3.19 -8.18 9.37
N PHE A 99 4.37 -8.22 8.76
CA PHE A 99 5.58 -7.69 9.39
C PHE A 99 5.40 -6.18 9.60
N ASN A 100 4.84 -5.50 8.60
CA ASN A 100 4.60 -4.06 8.67
C ASN A 100 3.59 -3.74 9.77
N ASN A 101 2.54 -4.55 9.88
CA ASN A 101 1.53 -4.38 10.92
C ASN A 101 2.20 -4.42 12.29
N ILE A 102 3.04 -5.43 12.49
CA ILE A 102 3.72 -5.62 13.77
C ILE A 102 4.61 -4.44 14.12
N ILE A 103 5.39 -3.98 13.15
CA ILE A 103 6.27 -2.86 13.38
C ILE A 103 5.48 -1.58 13.66
N ILE A 104 4.45 -1.33 12.87
CA ILE A 104 3.65 -0.11 13.06
C ILE A 104 2.88 -0.15 14.38
N ASP A 105 2.35 -1.32 14.74
CA ASP A 105 1.62 -1.47 15.99
C ASP A 105 2.57 -1.17 17.16
N THR A 106 3.78 -1.71 17.09
CA THR A 106 4.75 -1.46 18.15
C THR A 106 5.11 0.02 18.23
N LEU A 107 5.36 0.66 17.09
CA LEU A 107 5.69 2.09 17.10
C LEU A 107 4.55 2.90 17.72
N GLN A 108 3.32 2.59 17.32
CA GLN A 108 2.15 3.28 17.83
C GLN A 108 2.00 3.06 19.35
N SER A 109 2.48 1.93 19.86
CA SER A 109 2.35 1.66 21.28
C SER A 109 3.22 2.62 22.11
N TYR A 110 4.14 3.31 21.44
CA TYR A 110 5.01 4.29 22.12
C TYR A 110 4.61 5.68 21.64
N ASP A 111 3.40 5.76 21.10
CA ASP A 111 2.81 6.99 20.57
C ASP A 111 3.56 7.66 19.42
N ILE A 112 4.16 6.84 18.56
CA ILE A 112 4.83 7.36 17.37
C ILE A 112 3.71 7.28 16.32
N PRO A 113 3.40 8.38 15.63
CA PRO A 113 2.35 8.41 14.62
C PRO A 113 2.67 7.70 13.30
N ALA A 114 3.03 6.42 13.39
CA ALA A 114 3.39 5.65 12.19
C ALA A 114 2.16 5.29 11.35
N VAL A 115 2.36 5.19 10.05
CA VAL A 115 1.30 4.81 9.12
C VAL A 115 1.93 3.91 8.06
N SER A 116 1.11 3.14 7.37
CA SER A 116 1.61 2.19 6.37
C SER A 116 1.68 2.62 4.91
N ILE A 117 2.84 2.40 4.29
CA ILE A 117 3.04 2.65 2.87
C ILE A 117 3.42 1.29 2.27
N GLN A 118 2.51 0.73 1.47
CA GLN A 118 2.70 -0.58 0.85
C GLN A 118 2.99 -0.41 -0.64
N PRO A 119 4.28 -0.52 -1.03
CA PRO A 119 4.73 -0.38 -2.43
C PRO A 119 4.02 -1.23 -3.46
N SER A 120 3.78 -2.50 -3.13
CA SER A 120 3.14 -3.42 -4.06
C SER A 120 1.85 -2.89 -4.69
N SER A 121 1.17 -2.00 -4.00
CA SER A 121 -0.10 -1.45 -4.52
C SER A 121 0.02 -0.36 -5.58
N PHE A 122 1.18 0.28 -5.69
CA PHE A 122 1.30 1.38 -6.65
C PHE A 122 2.67 1.62 -7.26
N VAL A 123 3.68 0.89 -6.82
CA VAL A 123 5.00 1.07 -7.37
C VAL A 123 5.27 0.11 -8.53
N VAL A 124 5.93 0.63 -9.57
CA VAL A 124 6.28 -0.18 -10.73
C VAL A 124 7.80 -0.15 -10.90
N PHE A 125 8.43 -1.32 -10.86
CA PHE A 125 9.88 -1.39 -11.02
C PHE A 125 10.34 -1.34 -12.49
N GLY A 126 10.83 -0.19 -12.91
CA GLY A 126 11.32 -0.04 -14.26
C GLY A 126 12.75 0.46 -14.16
N ASP A 127 13.33 0.93 -15.27
CA ASP A 127 14.69 1.45 -15.21
C ASP A 127 14.63 2.67 -14.29
N LYS A 128 13.46 3.29 -14.25
CA LYS A 128 13.20 4.43 -13.39
C LYS A 128 11.89 4.10 -12.68
N LEU A 129 11.98 3.84 -11.38
CA LEU A 129 10.80 3.50 -10.58
C LEU A 129 9.62 4.44 -10.74
N ILE A 130 8.42 3.87 -10.79
CA ILE A 130 7.21 4.66 -10.83
C ILE A 130 6.80 4.54 -9.37
N PHE A 131 6.91 5.63 -8.63
CA PHE A 131 6.64 5.64 -7.19
C PHE A 131 6.13 7.02 -6.80
N ASP A 132 4.81 7.19 -6.83
CA ASP A 132 4.19 8.47 -6.49
C ASP A 132 4.35 8.76 -4.99
N THR A 133 5.00 9.87 -4.67
CA THR A 133 5.20 10.25 -3.27
C THR A 133 4.25 11.35 -2.80
N SER A 134 3.20 11.61 -3.56
CA SER A 134 2.23 12.64 -3.18
C SER A 134 1.66 12.42 -1.78
N ALA A 135 1.16 11.22 -1.52
CA ALA A 135 0.59 10.91 -0.21
C ALA A 135 1.60 11.08 0.90
N ILE A 136 2.81 10.54 0.69
CA ILE A 136 3.88 10.64 1.67
C ILE A 136 4.16 12.10 2.04
N LYS A 137 4.27 12.96 1.03
CA LYS A 137 4.53 14.37 1.28
C LYS A 137 3.45 14.96 2.17
N GLU A 138 2.19 14.64 1.86
CA GLU A 138 1.07 15.16 2.64
C GLU A 138 1.06 14.60 4.07
N MET A 139 1.48 13.36 4.23
CA MET A 139 1.52 12.75 5.56
C MET A 139 2.56 13.45 6.43
N LEU A 140 3.72 13.71 5.85
CA LEU A 140 4.82 14.36 6.57
C LEU A 140 4.40 15.78 6.97
N LYS A 141 3.57 16.39 6.13
CA LYS A 141 3.07 17.74 6.39
C LYS A 141 2.22 17.72 7.65
N ARG A 142 1.49 16.62 7.85
CA ARG A 142 0.62 16.51 9.00
C ARG A 142 1.24 15.76 10.17
N ASN A 143 2.57 15.73 10.20
CA ASN A 143 3.34 15.11 11.27
C ASN A 143 3.23 13.59 11.42
N LEU A 144 2.81 12.90 10.38
CA LEU A 144 2.73 11.45 10.44
C LEU A 144 4.08 10.88 10.07
N VAL A 145 4.35 9.65 10.52
CA VAL A 145 5.61 8.99 10.23
C VAL A 145 5.36 7.83 9.29
N PRO A 146 5.54 8.05 7.98
CA PRO A 146 5.31 6.98 7.01
C PRO A 146 6.30 5.84 7.23
N VAL A 147 5.79 4.61 7.25
CA VAL A 147 6.63 3.43 7.43
C VAL A 147 6.50 2.63 6.13
N ILE A 148 7.56 2.65 5.32
CA ILE A 148 7.59 1.98 4.03
C ILE A 148 8.41 0.70 4.17
N HIS A 149 7.99 -0.35 3.48
CA HIS A 149 8.70 -1.63 3.59
C HIS A 149 9.06 -2.26 2.25
N GLY A 150 10.08 -3.12 2.27
CA GLY A 150 10.45 -3.83 1.05
C GLY A 150 9.21 -4.61 0.68
N ASP A 151 8.96 -4.82 -0.61
CA ASP A 151 7.73 -5.50 -1.02
C ASP A 151 7.87 -6.10 -2.41
N ILE A 152 6.92 -6.95 -2.78
CA ILE A 152 6.95 -7.49 -4.13
C ILE A 152 6.29 -6.41 -4.99
N VAL A 153 6.80 -6.20 -6.19
CA VAL A 153 6.20 -5.22 -7.10
C VAL A 153 6.32 -5.72 -8.53
N ILE A 154 5.39 -5.30 -9.38
CA ILE A 154 5.43 -5.69 -10.79
C ILE A 154 6.38 -4.75 -11.50
N ASP A 155 6.95 -5.19 -12.61
CA ASP A 155 7.85 -4.33 -13.37
C ASP A 155 7.14 -3.95 -14.66
N ASP A 156 7.81 -3.19 -15.51
CA ASP A 156 7.22 -2.78 -16.78
C ASP A 156 7.71 -3.67 -17.92
N LYS A 157 7.96 -4.94 -17.62
CA LYS A 157 8.46 -5.87 -18.62
C LYS A 157 7.94 -7.29 -18.42
N ASN A 158 6.65 -7.41 -18.12
CA ASN A 158 6.01 -8.71 -17.92
C ASN A 158 6.57 -9.55 -16.76
N GLY A 159 7.24 -8.91 -15.81
CA GLY A 159 7.79 -9.64 -14.68
C GLY A 159 7.49 -9.02 -13.33
N TYR A 160 8.24 -9.42 -12.31
CA TYR A 160 8.08 -8.92 -10.95
C TYR A 160 9.45 -8.64 -10.37
N ARG A 161 9.48 -7.96 -9.23
CA ARG A 161 10.74 -7.64 -8.58
C ARG A 161 10.48 -7.37 -7.11
N ILE A 162 11.45 -7.74 -6.28
CA ILE A 162 11.35 -7.47 -4.86
C ILE A 162 12.05 -6.14 -4.70
N ILE A 163 11.30 -5.12 -4.29
CA ILE A 163 11.86 -3.80 -4.07
C ILE A 163 12.37 -3.80 -2.63
N SER A 164 13.63 -3.40 -2.41
CA SER A 164 14.19 -3.40 -1.06
C SER A 164 14.38 -2.03 -0.47
N GLY A 165 14.78 -2.02 0.80
CA GLY A 165 15.03 -0.78 1.50
C GLY A 165 16.14 -0.03 0.80
N ASP A 166 17.12 -0.77 0.31
CA ASP A 166 18.23 -0.16 -0.40
C ASP A 166 17.77 0.51 -1.70
N ASP A 167 16.65 0.04 -2.24
CA ASP A 167 16.13 0.67 -3.46
C ASP A 167 15.31 1.87 -3.04
N ILE A 168 14.50 1.66 -1.99
CA ILE A 168 13.62 2.70 -1.48
C ILE A 168 14.27 3.94 -0.87
N VAL A 169 15.26 3.76 -0.02
CA VAL A 169 15.88 4.91 0.63
C VAL A 169 16.45 5.97 -0.32
N PRO A 170 17.30 5.56 -1.28
CA PRO A 170 17.89 6.51 -2.23
C PRO A 170 16.83 7.24 -3.05
N TYR A 171 15.87 6.47 -3.57
CA TYR A 171 14.82 7.05 -4.37
C TYR A 171 14.10 8.18 -3.64
N LEU A 172 13.65 7.90 -2.42
CA LEU A 172 12.95 8.90 -1.63
C LEU A 172 13.88 10.02 -1.17
N ALA A 173 15.13 9.67 -0.90
CA ALA A 173 16.10 10.67 -0.46
C ALA A 173 16.16 11.78 -1.51
N ASN A 174 16.32 11.36 -2.76
CA ASN A 174 16.41 12.29 -3.88
C ASN A 174 15.07 12.99 -4.12
N GLU A 175 14.04 12.17 -4.34
CA GLU A 175 12.69 12.66 -4.61
C GLU A 175 12.17 13.66 -3.58
N LEU A 176 12.47 13.43 -2.30
CA LEU A 176 11.99 14.32 -1.26
C LEU A 176 13.07 15.25 -0.69
N LYS A 177 14.28 15.14 -1.23
CA LYS A 177 15.40 15.96 -0.77
C LYS A 177 15.58 15.81 0.74
N ALA A 178 15.87 14.60 1.18
CA ALA A 178 16.08 14.33 2.59
C ALA A 178 17.37 15.03 3.01
N ASP A 179 17.40 15.51 4.24
CA ASP A 179 18.57 16.20 4.77
C ASP A 179 19.53 15.20 5.40
N LEU A 180 18.99 14.05 5.79
CA LEU A 180 19.82 13.04 6.41
C LEU A 180 19.32 11.62 6.17
N ILE A 181 20.26 10.72 5.90
CA ILE A 181 19.92 9.33 5.67
C ILE A 181 20.58 8.53 6.78
N LEU A 182 19.82 7.68 7.45
CA LEU A 182 20.36 6.87 8.53
C LEU A 182 20.23 5.37 8.23
N TYR A 183 21.36 4.69 8.14
CA TYR A 183 21.36 3.25 7.88
C TYR A 183 21.73 2.50 9.16
N ALA A 184 20.72 2.00 9.86
CA ALA A 184 20.95 1.25 11.08
C ALA A 184 21.22 -0.18 10.63
N THR A 185 22.42 -0.67 10.86
CA THR A 185 22.82 -2.00 10.43
C THR A 185 23.34 -2.84 11.59
N ASP A 186 23.84 -4.03 11.29
CA ASP A 186 24.38 -4.92 12.32
C ASP A 186 25.86 -4.66 12.62
N VAL A 187 26.48 -3.72 11.91
CA VAL A 187 27.89 -3.42 12.11
C VAL A 187 28.14 -1.96 12.49
N ASP A 188 29.32 -1.66 13.02
CA ASP A 188 29.65 -0.31 13.48
C ASP A 188 29.79 0.78 12.42
N GLY A 189 29.87 0.39 11.16
CA GLY A 189 30.02 1.36 10.08
C GLY A 189 30.69 0.74 8.88
N VAL A 190 31.27 1.55 8.00
CA VAL A 190 31.98 1.00 6.85
C VAL A 190 33.34 0.59 7.43
N LEU A 191 33.53 -0.73 7.57
CA LEU A 191 34.74 -1.28 8.17
C LEU A 191 36.01 -1.34 7.31
N ILE A 192 36.98 -0.50 7.65
CA ILE A 192 38.27 -0.50 6.97
C ILE A 192 39.24 -0.95 8.06
N ASP A 193 39.68 -2.21 7.96
CA ASP A 193 40.59 -2.79 8.95
C ASP A 193 39.77 -3.13 10.20
N ASN A 194 38.60 -3.69 9.98
CA ASN A 194 37.69 -4.08 11.06
C ASN A 194 37.43 -2.92 12.01
N LYS A 195 37.35 -1.71 11.46
CA LYS A 195 37.08 -0.50 12.23
C LYS A 195 36.32 0.46 11.33
N PRO A 196 35.29 1.12 11.87
CA PRO A 196 34.53 2.07 11.04
C PRO A 196 35.31 3.30 10.67
N ILE A 197 35.34 3.63 9.37
CA ILE A 197 36.05 4.82 8.93
C ILE A 197 35.15 6.00 9.29
N LYS A 198 35.72 6.95 10.00
CA LYS A 198 34.97 8.12 10.46
C LYS A 198 34.23 8.88 9.37
N ARG A 199 34.87 9.10 8.23
CA ARG A 199 34.22 9.89 7.19
C ARG A 199 34.56 9.50 5.75
N ILE A 200 33.56 9.59 4.89
CA ILE A 200 33.74 9.28 3.48
C ILE A 200 33.16 10.47 2.71
N ASP A 201 34.00 11.09 1.89
CA ASP A 201 33.58 12.23 1.10
C ASP A 201 34.30 12.26 -0.24
N LYS A 202 34.13 13.36 -0.97
CA LYS A 202 34.74 13.54 -2.29
C LYS A 202 36.25 13.40 -2.33
N ASN A 203 36.90 13.41 -1.17
CA ASN A 203 38.35 13.28 -1.14
C ASN A 203 38.85 11.87 -0.88
N ASN A 204 37.95 10.93 -0.65
CA ASN A 204 38.39 9.56 -0.40
C ASN A 204 37.44 8.46 -0.85
N ILE A 205 36.31 8.82 -1.44
CA ILE A 205 35.34 7.81 -1.84
C ILE A 205 35.90 6.73 -2.78
N TYR A 206 36.61 7.13 -3.83
CA TYR A 206 37.15 6.14 -4.74
C TYR A 206 38.15 5.25 -4.04
N LYS A 207 38.95 5.82 -3.15
CA LYS A 207 39.92 5.05 -2.41
C LYS A 207 39.20 4.01 -1.53
N ILE A 208 38.07 4.41 -0.97
CA ILE A 208 37.30 3.51 -0.12
C ILE A 208 36.58 2.44 -0.93
N LEU A 209 35.98 2.84 -2.05
CA LEU A 209 35.26 1.87 -2.90
C LEU A 209 36.20 0.80 -3.44
N ASN A 210 37.41 1.19 -3.84
CA ASN A 210 38.36 0.22 -4.34
C ASN A 210 38.76 -0.71 -3.20
N TYR A 211 38.90 -0.15 -2.00
CA TYR A 211 39.24 -0.98 -0.84
C TYR A 211 38.14 -2.01 -0.61
N LEU A 212 36.89 -1.56 -0.67
CA LEU A 212 35.74 -2.44 -0.44
C LEU A 212 35.66 -3.55 -1.48
N SER A 213 36.25 -3.30 -2.65
CA SER A 213 36.24 -4.28 -3.74
C SER A 213 37.40 -5.25 -3.58
N GLY A 214 38.30 -4.94 -2.64
CA GLY A 214 39.46 -5.79 -2.43
C GLY A 214 39.20 -7.04 -1.62
N SER A 215 40.21 -7.89 -1.54
CA SER A 215 40.13 -9.15 -0.81
C SER A 215 40.31 -8.95 0.70
N ASN A 216 40.72 -7.75 1.09
CA ASN A 216 40.93 -7.45 2.51
C ASN A 216 39.70 -6.77 3.10
N SER A 217 38.61 -6.77 2.35
CA SER A 217 37.37 -6.13 2.78
C SER A 217 36.48 -7.06 3.62
N ILE A 218 36.10 -6.59 4.80
CA ILE A 218 35.24 -7.36 5.69
C ILE A 218 33.92 -7.64 4.96
N ASP A 219 33.41 -6.60 4.28
CA ASP A 219 32.18 -6.74 3.52
C ASP A 219 32.48 -6.94 2.04
N VAL A 220 32.15 -8.12 1.52
CA VAL A 220 32.37 -8.42 0.11
C VAL A 220 31.04 -8.54 -0.63
N THR A 221 29.96 -8.23 0.06
CA THR A 221 28.62 -8.30 -0.52
C THR A 221 28.36 -7.12 -1.46
N GLY A 222 29.11 -6.05 -1.28
CA GLY A 222 28.93 -4.87 -2.11
C GLY A 222 27.81 -3.98 -1.55
N GLY A 223 27.28 -4.35 -0.38
CA GLY A 223 26.22 -3.58 0.23
C GLY A 223 26.63 -2.18 0.64
N MET A 224 27.80 -2.08 1.27
CA MET A 224 28.30 -0.78 1.70
C MET A 224 28.62 0.07 0.47
N LYS A 225 29.23 -0.55 -0.54
CA LYS A 225 29.57 0.15 -1.77
C LYS A 225 28.34 0.82 -2.36
N TYR A 226 27.23 0.08 -2.41
CA TYR A 226 25.99 0.61 -2.96
C TYR A 226 25.45 1.80 -2.17
N LYS A 227 25.45 1.67 -0.85
CA LYS A 227 24.95 2.75 0.01
C LYS A 227 25.76 4.02 -0.27
N ILE A 228 27.08 3.88 -0.23
CA ILE A 228 27.99 5.00 -0.49
C ILE A 228 27.74 5.62 -1.85
N GLU A 229 27.67 4.77 -2.87
CA GLU A 229 27.43 5.24 -4.23
C GLU A 229 26.15 6.06 -4.38
N MET A 230 25.07 5.58 -3.77
CA MET A 230 23.80 6.31 -3.86
C MET A 230 23.81 7.64 -3.11
N ILE A 231 24.53 7.72 -2.01
CA ILE A 231 24.60 8.96 -1.25
C ILE A 231 25.37 9.99 -2.08
N ARG A 232 26.40 9.54 -2.78
CA ARG A 232 27.19 10.41 -3.64
C ARG A 232 26.28 10.86 -4.77
N LYS A 233 25.71 9.89 -5.47
CA LYS A 233 24.81 10.17 -6.59
C LYS A 233 23.74 11.21 -6.29
N ASN A 234 22.99 11.01 -5.21
CA ASN A 234 21.93 11.94 -4.86
C ASN A 234 22.41 13.11 -3.99
N LYS A 235 23.73 13.21 -3.84
CA LYS A 235 24.34 14.26 -3.03
C LYS A 235 23.65 14.42 -1.68
N CYS A 236 23.67 13.34 -0.90
CA CYS A 236 23.05 13.36 0.42
C CYS A 236 24.13 13.30 1.46
N ARG A 237 23.68 13.21 2.70
CA ARG A 237 24.55 13.07 3.84
C ARG A 237 23.90 11.94 4.61
N GLY A 238 24.69 11.00 5.09
CA GLY A 238 24.11 9.90 5.81
C GLY A 238 25.11 9.23 6.74
N PHE A 239 24.59 8.47 7.68
CA PHE A 239 25.42 7.76 8.64
C PHE A 239 25.11 6.27 8.50
N VAL A 240 26.14 5.46 8.59
CA VAL A 240 25.97 4.01 8.56
C VAL A 240 26.48 3.61 9.92
N PHE A 241 25.60 3.02 10.73
CA PHE A 241 25.96 2.66 12.10
C PHE A 241 25.30 1.39 12.62
N ASN A 242 25.68 1.00 13.83
CA ASN A 242 25.13 -0.20 14.45
C ASN A 242 23.80 0.08 15.13
N GLY A 243 22.71 -0.47 14.57
CA GLY A 243 21.40 -0.25 15.16
C GLY A 243 21.13 -1.12 16.38
N ASN A 244 22.05 -2.03 16.67
CA ASN A 244 21.93 -2.92 17.82
C ASN A 244 22.48 -2.32 19.12
N LYS A 245 23.22 -1.23 19.02
CA LYS A 245 23.80 -0.58 20.20
C LYS A 245 22.85 0.45 20.80
N ALA A 246 22.59 0.30 22.09
CA ALA A 246 21.67 1.21 22.78
C ALA A 246 22.02 2.68 22.56
N ASN A 247 21.01 3.46 22.23
CA ASN A 247 21.13 4.90 22.00
C ASN A 247 21.71 5.36 20.65
N ASN A 248 22.28 4.45 19.87
CA ASN A 248 22.84 4.84 18.57
C ASN A 248 21.76 5.48 17.71
N ILE A 249 20.59 4.84 17.66
CA ILE A 249 19.50 5.36 16.85
C ILE A 249 19.02 6.71 17.37
N TYR A 250 18.91 6.84 18.69
CA TYR A 250 18.49 8.10 19.27
C TYR A 250 19.49 9.18 18.83
N LYS A 251 20.76 8.93 19.12
CA LYS A 251 21.83 9.86 18.78
C LYS A 251 21.88 10.21 17.30
N ALA A 252 21.78 9.20 16.45
CA ALA A 252 21.81 9.44 15.00
C ALA A 252 20.64 10.34 14.57
N LEU A 253 19.48 10.13 15.17
CA LEU A 253 18.31 10.94 14.84
C LEU A 253 18.52 12.38 15.31
N LEU A 254 19.40 12.59 16.30
CA LEU A 254 19.66 13.94 16.76
C LEU A 254 20.72 14.61 15.91
N GLY A 255 21.19 13.92 14.87
CA GLY A 255 22.19 14.50 13.99
C GLY A 255 23.62 14.21 14.38
N GLU A 256 23.81 13.49 15.48
CA GLU A 256 25.16 13.17 15.93
C GLU A 256 25.68 12.02 15.09
N VAL A 257 26.86 12.20 14.50
CA VAL A 257 27.44 11.15 13.68
C VAL A 257 27.65 9.87 14.49
N GLU A 258 27.25 8.75 13.93
CA GLU A 258 27.41 7.46 14.57
C GLU A 258 27.99 6.54 13.51
N GLY A 259 29.06 5.83 13.85
CA GLY A 259 29.67 4.94 12.88
C GLY A 259 30.41 5.69 11.78
N THR A 260 29.95 5.53 10.54
CA THR A 260 30.58 6.18 9.39
C THR A 260 29.71 7.26 8.78
N GLU A 261 30.24 8.47 8.64
CA GLU A 261 29.51 9.54 8.01
C GLU A 261 29.88 9.55 6.52
N ILE A 262 28.88 9.60 5.66
CA ILE A 262 29.08 9.63 4.22
C ILE A 262 28.46 10.95 3.81
N ASP A 263 29.30 11.90 3.43
CA ASP A 263 28.80 13.22 3.11
C ASP A 263 29.16 13.80 1.75
N PHE A 264 28.11 14.07 0.97
CA PHE A 264 28.24 14.62 -0.37
C PHE A 264 27.19 15.72 -0.56
N SER A 265 26.72 16.27 0.55
CA SER A 265 25.71 17.33 0.49
C SER A 265 26.35 18.62 -0.01
N GLU A 266 25.55 19.41 -0.73
CA GLU A 266 26.02 20.69 -1.26
C GLU A 266 25.51 21.81 -0.37
N MET B 7 -13.56 -6.79 -22.53
CA MET B 7 -12.17 -6.78 -21.98
C MET B 7 -12.10 -6.57 -20.47
N LEU B 8 -12.23 -5.34 -20.04
CA LEU B 8 -12.16 -5.03 -18.60
C LEU B 8 -13.50 -4.75 -17.94
N THR B 9 -13.76 -5.48 -16.85
CA THR B 9 -14.98 -5.31 -16.08
C THR B 9 -14.58 -4.95 -14.65
N ILE B 10 -15.35 -4.07 -14.02
CA ILE B 10 -15.09 -3.67 -12.65
C ILE B 10 -16.30 -4.06 -11.80
N LEU B 11 -16.10 -5.02 -10.91
CA LEU B 11 -17.16 -5.50 -10.04
C LEU B 11 -17.04 -4.87 -8.66
N LYS B 12 -18.11 -4.25 -8.21
CA LYS B 12 -18.12 -3.60 -6.91
C LYS B 12 -18.98 -4.43 -5.98
N LEU B 13 -18.39 -4.87 -4.86
CA LEU B 13 -19.13 -5.66 -3.89
C LEU B 13 -19.61 -4.78 -2.74
N GLY B 14 -20.90 -4.47 -2.74
CA GLY B 14 -21.48 -3.65 -1.71
C GLY B 14 -21.14 -4.09 -0.31
N GLY B 15 -20.88 -3.13 0.57
CA GLY B 15 -20.54 -3.44 1.94
C GLY B 15 -21.58 -4.35 2.57
N SER B 16 -22.85 -4.06 2.27
CA SER B 16 -23.96 -4.83 2.82
C SER B 16 -23.93 -6.33 2.56
N ILE B 17 -23.41 -6.76 1.41
CA ILE B 17 -23.38 -8.18 1.10
C ILE B 17 -22.17 -8.94 1.64
N LEU B 18 -21.19 -8.22 2.17
CA LEU B 18 -19.99 -8.86 2.71
C LEU B 18 -19.91 -8.77 4.22
N SER B 19 -20.61 -7.79 4.77
CA SER B 19 -20.57 -7.55 6.20
C SER B 19 -21.94 -7.05 6.67
N ASP B 20 -22.09 -6.90 7.98
CA ASP B 20 -23.32 -6.40 8.56
C ASP B 20 -23.00 -5.09 9.26
N LYS B 21 -23.41 -3.98 8.67
CA LYS B 21 -23.14 -2.66 9.24
C LYS B 21 -23.57 -2.55 10.70
N ASN B 22 -24.60 -3.29 11.07
CA ASN B 22 -25.11 -3.26 12.45
C ASN B 22 -24.21 -4.04 13.41
N VAL B 23 -23.28 -4.82 12.86
CA VAL B 23 -22.39 -5.61 13.69
C VAL B 23 -20.92 -5.33 13.37
N PRO B 24 -20.27 -4.48 14.17
CA PRO B 24 -18.86 -4.13 13.97
C PRO B 24 -17.98 -5.38 13.89
N TYR B 25 -17.09 -5.43 12.90
CA TYR B 25 -16.20 -6.57 12.72
C TYR B 25 -16.97 -7.83 12.31
N SER B 26 -18.06 -7.62 11.60
CA SER B 26 -18.88 -8.72 11.12
C SER B 26 -18.42 -9.16 9.74
N ILE B 27 -18.53 -10.44 9.47
CA ILE B 27 -18.17 -11.01 8.17
C ILE B 27 -19.30 -11.98 7.81
N LYS B 28 -19.90 -11.80 6.64
CA LYS B 28 -20.96 -12.71 6.20
C LYS B 28 -20.23 -13.80 5.43
N TRP B 29 -19.64 -14.73 6.19
CA TRP B 29 -18.86 -15.81 5.62
C TRP B 29 -19.50 -16.59 4.46
N ASP B 30 -20.74 -17.03 4.62
CA ASP B 30 -21.37 -17.80 3.55
C ASP B 30 -21.54 -16.99 2.27
N ASN B 31 -21.97 -15.74 2.41
CA ASN B 31 -22.15 -14.88 1.26
C ASN B 31 -20.82 -14.67 0.56
N LEU B 32 -19.80 -14.32 1.34
CA LEU B 32 -18.48 -14.09 0.80
C LEU B 32 -17.99 -15.28 0.01
N GLU B 33 -18.16 -16.48 0.57
CA GLU B 33 -17.73 -17.69 -0.10
C GLU B 33 -18.51 -17.95 -1.38
N ARG B 34 -19.83 -17.75 -1.34
CA ARG B 34 -20.67 -17.93 -2.53
C ARG B 34 -20.17 -16.96 -3.59
N ILE B 35 -20.01 -15.71 -3.19
CA ILE B 35 -19.54 -14.67 -4.10
C ILE B 35 -18.23 -15.05 -4.73
N ALA B 36 -17.27 -15.48 -3.92
CA ALA B 36 -15.98 -15.89 -4.46
C ALA B 36 -16.20 -17.02 -5.48
N MET B 37 -17.03 -17.98 -5.11
CA MET B 37 -17.30 -19.11 -5.99
C MET B 37 -17.87 -18.66 -7.34
N GLU B 38 -18.87 -17.79 -7.29
CA GLU B 38 -19.48 -17.30 -8.52
C GLU B 38 -18.47 -16.58 -9.39
N ILE B 39 -17.62 -15.76 -8.78
CA ILE B 39 -16.60 -15.04 -9.54
C ILE B 39 -15.65 -16.04 -10.19
N LYS B 40 -15.30 -17.08 -9.44
CA LYS B 40 -14.41 -18.11 -9.94
C LYS B 40 -15.01 -18.81 -11.17
N ASN B 41 -16.27 -19.22 -11.07
CA ASN B 41 -16.95 -19.89 -12.18
C ASN B 41 -17.02 -18.98 -13.42
N ALA B 42 -17.20 -17.69 -13.20
CA ALA B 42 -17.27 -16.75 -14.32
C ALA B 42 -15.93 -16.65 -15.03
N LEU B 43 -14.84 -16.54 -14.26
CA LEU B 43 -13.52 -16.44 -14.84
C LEU B 43 -13.20 -17.72 -15.61
N ASP B 44 -13.67 -18.85 -15.08
CA ASP B 44 -13.44 -20.14 -15.74
C ASP B 44 -14.25 -20.23 -17.03
N TYR B 45 -15.44 -19.64 -17.03
CA TYR B 45 -16.29 -19.65 -18.22
C TYR B 45 -15.56 -18.98 -19.37
N TYR B 46 -15.05 -17.78 -19.13
CA TYR B 46 -14.34 -17.03 -20.15
C TYR B 46 -13.11 -17.71 -20.72
N LYS B 47 -12.23 -18.22 -19.86
CA LYS B 47 -11.03 -18.88 -20.37
C LYS B 47 -11.38 -20.17 -21.07
N ASN B 48 -12.51 -20.76 -20.68
CA ASN B 48 -12.96 -22.00 -21.31
C ASN B 48 -13.37 -21.66 -22.74
N GLN B 49 -13.82 -20.41 -22.93
CA GLN B 49 -14.22 -19.92 -24.25
C GLN B 49 -12.98 -19.30 -24.90
N ASN B 50 -11.87 -19.36 -24.17
CA ASN B 50 -10.61 -18.79 -24.63
C ASN B 50 -10.83 -17.30 -24.88
N LYS B 51 -11.55 -16.66 -23.96
CA LYS B 51 -11.84 -15.24 -24.07
C LYS B 51 -11.13 -14.52 -22.92
N GLU B 52 -10.26 -13.59 -23.27
CA GLU B 52 -9.48 -12.81 -22.31
C GLU B 52 -10.33 -11.76 -21.59
N ILE B 53 -10.42 -11.88 -20.26
CA ILE B 53 -11.19 -10.94 -19.45
C ILE B 53 -10.40 -10.36 -18.27
N LYS B 54 -10.21 -9.04 -18.29
CA LYS B 54 -9.50 -8.38 -17.20
C LYS B 54 -10.53 -7.98 -16.16
N LEU B 55 -10.28 -8.32 -14.90
CA LEU B 55 -11.21 -8.02 -13.81
C LEU B 55 -10.60 -7.33 -12.60
N ILE B 56 -11.24 -6.25 -12.16
CA ILE B 56 -10.82 -5.49 -10.98
C ILE B 56 -11.99 -5.53 -10.00
N LEU B 57 -11.70 -5.88 -8.74
CA LEU B 57 -12.72 -5.95 -7.71
C LEU B 57 -12.61 -4.81 -6.72
N VAL B 58 -13.74 -4.25 -6.31
CA VAL B 58 -13.75 -3.15 -5.35
C VAL B 58 -14.75 -3.46 -4.23
N HIS B 59 -14.36 -3.12 -3.00
CA HIS B 59 -15.24 -3.35 -1.86
C HIS B 59 -15.12 -2.20 -0.87
N GLY B 60 -16.20 -1.93 -0.15
CA GLY B 60 -16.19 -0.85 0.82
C GLY B 60 -15.66 -1.28 2.19
N GLY B 61 -15.75 -0.37 3.16
CA GLY B 61 -15.28 -0.68 4.50
C GLY B 61 -16.22 -1.56 5.30
N GLY B 62 -17.43 -1.77 4.79
CA GLY B 62 -18.41 -2.59 5.49
C GLY B 62 -18.52 -2.29 6.96
N ALA B 63 -18.31 -3.31 7.80
CA ALA B 63 -18.40 -3.16 9.24
C ALA B 63 -17.04 -3.05 9.93
N PHE B 64 -16.04 -2.61 9.18
CA PHE B 64 -14.71 -2.46 9.77
C PHE B 64 -14.33 -1.00 9.90
N GLY B 65 -14.65 -0.22 8.87
CA GLY B 65 -14.31 1.19 8.90
C GLY B 65 -15.05 1.97 9.99
N HIS B 66 -16.34 2.16 9.79
CA HIS B 66 -17.19 2.92 10.70
C HIS B 66 -16.87 2.73 12.19
N PRO B 67 -16.92 1.49 12.68
CA PRO B 67 -16.62 1.29 14.11
C PRO B 67 -15.38 2.03 14.58
N VAL B 68 -14.30 1.95 13.79
CA VAL B 68 -13.06 2.61 14.17
C VAL B 68 -13.06 4.08 13.75
N ALA B 69 -13.43 4.35 12.50
CA ALA B 69 -13.45 5.72 11.98
C ALA B 69 -14.33 6.64 12.84
N LYS B 70 -15.44 6.09 13.32
CA LYS B 70 -16.38 6.84 14.16
C LYS B 70 -15.65 7.51 15.33
N LYS B 71 -14.64 6.81 15.85
CA LYS B 71 -13.85 7.33 16.97
C LYS B 71 -13.09 8.59 16.59
N TYR B 72 -12.79 8.72 15.32
CA TYR B 72 -12.01 9.85 14.84
C TYR B 72 -12.78 10.86 14.01
N LEU B 73 -14.10 10.73 14.01
CA LEU B 73 -14.98 11.64 13.28
C LEU B 73 -15.88 12.38 14.26
N LYS B 74 -15.84 13.72 14.21
CA LYS B 74 -16.68 14.52 15.10
C LYS B 74 -17.45 15.54 14.28
N ILE B 75 -18.40 16.20 14.93
CA ILE B 75 -19.21 17.22 14.28
C ILE B 75 -18.81 18.60 14.79
N GLU B 76 -18.35 19.45 13.88
CA GLU B 76 -17.94 20.80 14.24
C GLU B 76 -19.20 21.65 14.38
N ASP B 77 -20.28 21.17 13.78
CA ASP B 77 -21.57 21.86 13.81
C ASP B 77 -22.54 21.16 12.86
N GLY B 78 -22.03 20.74 11.71
CA GLY B 78 -22.85 20.06 10.73
C GLY B 78 -22.01 19.30 9.73
N LYS B 79 -20.69 19.42 9.86
CA LYS B 79 -19.77 18.74 8.96
C LYS B 79 -18.96 17.69 9.70
N LYS B 80 -18.20 16.90 8.95
CA LYS B 80 -17.36 15.84 9.51
C LYS B 80 -15.94 16.32 9.76
N ILE B 81 -15.50 16.21 11.00
CA ILE B 81 -14.16 16.64 11.37
C ILE B 81 -13.33 15.46 11.91
N PHE B 82 -12.18 15.24 11.27
CA PHE B 82 -11.28 14.18 11.68
C PHE B 82 -10.39 14.67 12.81
N ILE B 83 -10.30 13.90 13.88
CA ILE B 83 -9.48 14.28 15.02
C ILE B 83 -8.53 13.18 15.45
N ASN B 84 -7.45 13.56 16.12
CA ASN B 84 -6.45 12.64 16.62
C ASN B 84 -6.03 11.63 15.56
N MET B 85 -5.69 12.11 14.37
CA MET B 85 -5.30 11.20 13.32
C MET B 85 -3.89 10.66 13.48
N GLU B 86 -3.17 11.12 14.51
CA GLU B 86 -1.84 10.60 14.76
C GLU B 86 -2.04 9.15 15.18
N LYS B 87 -3.26 8.86 15.63
CA LYS B 87 -3.62 7.51 16.05
C LYS B 87 -4.65 6.97 15.06
N GLY B 88 -5.60 7.84 14.70
CA GLY B 88 -6.66 7.46 13.79
C GLY B 88 -6.33 6.99 12.38
N PHE B 89 -5.31 7.58 11.76
CA PHE B 89 -4.98 7.14 10.40
C PHE B 89 -4.60 5.65 10.42
N TRP B 90 -3.66 5.28 11.29
CA TRP B 90 -3.23 3.88 11.37
C TRP B 90 -4.38 2.96 11.80
N GLU B 91 -5.11 3.34 12.85
CA GLU B 91 -6.20 2.49 13.30
C GLU B 91 -7.22 2.20 12.22
N ILE B 92 -7.53 3.18 11.38
CA ILE B 92 -8.49 2.96 10.30
C ILE B 92 -7.84 2.11 9.20
N GLN B 93 -6.57 2.41 8.90
CA GLN B 93 -5.83 1.63 7.90
C GLN B 93 -5.85 0.16 8.31
N ARG B 94 -5.53 -0.08 9.58
CA ARG B 94 -5.47 -1.44 10.12
C ARG B 94 -6.80 -2.15 9.95
N ALA B 95 -7.89 -1.48 10.30
CA ALA B 95 -9.22 -2.08 10.16
C ALA B 95 -9.49 -2.42 8.72
N MET B 96 -9.20 -1.49 7.80
CA MET B 96 -9.42 -1.73 6.39
C MET B 96 -8.54 -2.86 5.86
N ARG B 97 -7.29 -2.92 6.33
CA ARG B 97 -6.38 -3.98 5.89
C ARG B 97 -6.91 -5.33 6.35
N ARG B 98 -7.47 -5.37 7.55
CA ARG B 98 -8.00 -6.62 8.06
C ARG B 98 -9.14 -7.14 7.17
N PHE B 99 -10.07 -6.26 6.83
CA PHE B 99 -11.20 -6.64 5.99
C PHE B 99 -10.68 -7.09 4.63
N ASN B 100 -9.76 -6.33 4.05
CA ASN B 100 -9.18 -6.64 2.74
C ASN B 100 -8.48 -8.02 2.76
N ASN B 101 -7.74 -8.32 3.83
CA ASN B 101 -7.05 -9.60 3.94
C ASN B 101 -8.07 -10.74 3.88
N ILE B 102 -9.12 -10.62 4.68
CA ILE B 102 -10.15 -11.64 4.72
C ILE B 102 -10.77 -11.89 3.35
N ILE B 103 -11.05 -10.81 2.64
CA ILE B 103 -11.66 -10.93 1.31
C ILE B 103 -10.69 -11.56 0.31
N ILE B 104 -9.46 -11.08 0.28
CA ILE B 104 -8.49 -11.63 -0.66
C ILE B 104 -8.15 -13.09 -0.32
N ASP B 105 -8.04 -13.42 0.97
CA ASP B 105 -7.72 -14.80 1.31
C ASP B 105 -8.86 -15.71 0.83
N THR B 106 -10.10 -15.24 0.92
CA THR B 106 -11.22 -16.05 0.49
C THR B 106 -11.18 -16.24 -1.02
N LEU B 107 -10.95 -15.13 -1.74
CA LEU B 107 -10.88 -15.19 -3.20
C LEU B 107 -9.76 -16.14 -3.61
N GLN B 108 -8.59 -16.00 -2.97
CA GLN B 108 -7.46 -16.87 -3.30
C GLN B 108 -7.78 -18.34 -2.98
N SER B 109 -8.66 -18.58 -2.01
CA SER B 109 -9.00 -19.96 -1.67
C SER B 109 -9.77 -20.64 -2.81
N TYR B 110 -10.25 -19.84 -3.76
CA TYR B 110 -11.00 -20.34 -4.92
C TYR B 110 -10.16 -20.13 -6.17
N ASP B 111 -8.87 -19.94 -5.95
CA ASP B 111 -7.91 -19.73 -7.02
C ASP B 111 -8.17 -18.51 -7.90
N ILE B 112 -8.71 -17.46 -7.29
CA ILE B 112 -8.92 -16.20 -7.99
C ILE B 112 -7.61 -15.48 -7.66
N PRO B 113 -6.80 -15.13 -8.68
CA PRO B 113 -5.52 -14.45 -8.47
C PRO B 113 -5.60 -13.02 -7.95
N ALA B 114 -6.25 -12.84 -6.81
CA ALA B 114 -6.42 -11.51 -6.20
C ALA B 114 -5.14 -10.97 -5.54
N VAL B 115 -4.98 -9.64 -5.62
CA VAL B 115 -3.85 -8.94 -5.02
C VAL B 115 -4.39 -7.66 -4.34
N SER B 116 -3.67 -7.15 -3.36
CA SER B 116 -4.12 -5.98 -2.60
C SER B 116 -3.71 -4.60 -3.10
N ILE B 117 -4.69 -3.70 -3.20
CA ILE B 117 -4.45 -2.32 -3.59
C ILE B 117 -4.96 -1.48 -2.41
N GLN B 118 -4.03 -0.91 -1.65
CA GLN B 118 -4.33 -0.10 -0.46
C GLN B 118 -4.19 1.39 -0.77
N PRO B 119 -5.32 2.08 -1.00
CA PRO B 119 -5.38 3.52 -1.31
C PRO B 119 -4.64 4.44 -0.33
N SER B 120 -4.81 4.18 0.97
CA SER B 120 -4.16 4.99 2.00
C SER B 120 -2.68 5.24 1.79
N SER B 121 -2.00 4.31 1.12
CA SER B 121 -0.57 4.45 0.91
C SER B 121 -0.16 5.38 -0.24
N PHE B 122 -1.08 5.72 -1.12
CA PHE B 122 -0.71 6.55 -2.27
C PHE B 122 -1.77 7.44 -2.88
N VAL B 123 -3.03 7.29 -2.49
CA VAL B 123 -4.09 8.11 -3.04
C VAL B 123 -4.28 9.41 -2.26
N VAL B 124 -4.57 10.49 -2.97
CA VAL B 124 -4.78 11.80 -2.35
C VAL B 124 -6.05 12.43 -2.90
N PHE B 125 -6.95 12.81 -2.00
CA PHE B 125 -8.20 13.44 -2.40
C PHE B 125 -8.04 14.95 -2.51
N GLY B 126 -9.05 15.62 -3.04
CA GLY B 126 -8.98 17.08 -3.18
C GLY B 126 -9.08 17.51 -4.64
N ASP B 127 -8.42 18.62 -4.97
CA ASP B 127 -8.42 19.12 -6.33
C ASP B 127 -7.97 18.04 -7.29
N LYS B 128 -8.92 17.33 -7.89
CA LYS B 128 -8.60 16.26 -8.82
C LYS B 128 -7.94 15.10 -8.09
N LEU B 129 -8.58 13.94 -8.13
CA LEU B 129 -8.08 12.77 -7.43
C LEU B 129 -6.70 12.36 -7.93
N ILE B 130 -5.76 12.20 -7.01
CA ILE B 130 -4.41 11.75 -7.36
C ILE B 130 -4.43 10.26 -7.04
N PHE B 131 -4.47 9.44 -8.09
CA PHE B 131 -4.55 8.01 -7.92
C PHE B 131 -3.78 7.34 -9.05
N ASP B 132 -2.50 7.04 -8.83
CA ASP B 132 -1.67 6.40 -9.85
C ASP B 132 -2.14 4.98 -10.12
N THR B 133 -2.51 4.71 -11.37
CA THR B 133 -2.99 3.40 -11.76
C THR B 133 -1.98 2.59 -12.56
N SER B 134 -0.74 3.05 -12.61
CA SER B 134 0.28 2.33 -13.36
C SER B 134 0.42 0.89 -12.89
N ALA B 135 0.49 0.69 -11.58
CA ALA B 135 0.63 -0.65 -11.03
C ALA B 135 -0.57 -1.52 -11.42
N ILE B 136 -1.77 -0.99 -11.27
CA ILE B 136 -2.99 -1.72 -11.60
C ILE B 136 -2.98 -2.14 -13.09
N LYS B 137 -2.54 -1.24 -13.96
CA LYS B 137 -2.48 -1.54 -15.38
C LYS B 137 -1.59 -2.76 -15.60
N GLU B 138 -0.37 -2.72 -15.04
CA GLU B 138 0.56 -3.83 -15.17
C GLU B 138 -0.01 -5.14 -14.63
N MET B 139 -0.68 -5.06 -13.49
CA MET B 139 -1.25 -6.25 -12.87
C MET B 139 -2.30 -6.89 -13.77
N LEU B 140 -3.11 -6.05 -14.41
CA LEU B 140 -4.15 -6.54 -15.30
C LEU B 140 -3.53 -7.24 -16.50
N LYS B 141 -2.33 -6.82 -16.90
CA LYS B 141 -1.64 -7.45 -18.03
C LYS B 141 -1.15 -8.83 -17.65
N ARG B 142 -1.02 -9.08 -16.35
CA ARG B 142 -0.56 -10.37 -15.86
C ARG B 142 -1.77 -11.23 -15.53
N ASN B 143 -2.95 -10.69 -15.79
CA ASN B 143 -4.20 -11.38 -15.51
C ASN B 143 -4.40 -11.53 -14.00
N LEU B 144 -3.85 -10.60 -13.22
CA LEU B 144 -4.04 -10.63 -11.78
C LEU B 144 -5.35 -9.89 -11.56
N VAL B 145 -6.00 -10.13 -10.42
CA VAL B 145 -7.25 -9.45 -10.10
C VAL B 145 -7.03 -8.48 -8.95
N PRO B 146 -6.83 -7.20 -9.26
CA PRO B 146 -6.60 -6.21 -8.20
C PRO B 146 -7.86 -6.04 -7.34
N VAL B 147 -7.70 -6.08 -6.02
CA VAL B 147 -8.83 -5.89 -5.12
C VAL B 147 -8.57 -4.57 -4.37
N ILE B 148 -9.35 -3.56 -4.73
CA ILE B 148 -9.23 -2.23 -4.14
C ILE B 148 -10.34 -2.05 -3.10
N HIS B 149 -10.05 -1.31 -2.03
CA HIS B 149 -11.03 -1.15 -0.97
C HIS B 149 -11.18 0.28 -0.44
N GLY B 150 -12.31 0.53 0.22
CA GLY B 150 -12.55 1.84 0.82
C GLY B 150 -11.45 2.02 1.84
N ASP B 151 -11.03 3.25 2.07
CA ASP B 151 -9.90 3.47 2.98
C ASP B 151 -9.80 4.92 3.43
N ILE B 152 -8.97 5.15 4.44
CA ILE B 152 -8.75 6.52 4.88
C ILE B 152 -7.66 7.00 3.95
N VAL B 153 -7.74 8.25 3.51
CA VAL B 153 -6.71 8.78 2.63
C VAL B 153 -6.46 10.24 2.97
N ILE B 154 -5.29 10.74 2.59
CA ILE B 154 -4.97 12.14 2.84
C ILE B 154 -5.81 12.96 1.89
N ASP B 155 -6.20 14.15 2.35
CA ASP B 155 -6.99 15.07 1.52
C ASP B 155 -6.23 16.39 1.59
N ASP B 156 -5.58 16.75 0.49
CA ASP B 156 -4.79 17.99 0.43
C ASP B 156 -5.57 19.24 0.80
N LYS B 157 -6.90 19.16 0.83
CA LYS B 157 -7.71 20.31 1.19
C LYS B 157 -8.28 20.16 2.61
N ASN B 158 -9.03 19.08 2.83
CA ASN B 158 -9.64 18.84 4.12
C ASN B 158 -8.80 17.99 5.08
N GLY B 159 -7.55 17.73 4.72
CA GLY B 159 -6.68 16.94 5.57
C GLY B 159 -6.83 15.44 5.44
N TYR B 160 -8.04 14.95 5.69
CA TYR B 160 -8.33 13.52 5.59
C TYR B 160 -9.68 13.30 4.95
N ARG B 161 -9.88 12.09 4.44
CA ARG B 161 -11.14 11.74 3.80
C ARG B 161 -11.23 10.24 3.67
N ILE B 162 -12.43 9.71 3.85
CA ILE B 162 -12.63 8.28 3.70
C ILE B 162 -13.09 8.05 2.27
N ILE B 163 -12.17 7.61 1.42
CA ILE B 163 -12.50 7.35 0.02
C ILE B 163 -13.36 6.08 -0.02
N SER B 164 -14.46 6.10 -0.75
CA SER B 164 -15.34 4.94 -0.83
C SER B 164 -15.32 4.26 -2.18
N GLY B 165 -15.95 3.08 -2.23
CA GLY B 165 -16.02 2.33 -3.46
C GLY B 165 -16.69 3.12 -4.56
N ASP B 166 -17.60 4.02 -4.19
CA ASP B 166 -18.29 4.84 -5.18
C ASP B 166 -17.38 5.89 -5.80
N ASP B 167 -16.28 6.19 -5.12
CA ASP B 167 -15.30 7.15 -5.61
C ASP B 167 -14.36 6.44 -6.57
N ILE B 168 -13.89 5.28 -6.11
CA ILE B 168 -12.96 4.44 -6.84
C ILE B 168 -13.45 3.87 -8.17
N VAL B 169 -14.58 3.16 -8.14
CA VAL B 169 -15.10 2.54 -9.36
C VAL B 169 -15.17 3.46 -10.57
N PRO B 170 -15.88 4.59 -10.47
CA PRO B 170 -15.95 5.47 -11.65
C PRO B 170 -14.59 5.99 -12.09
N TYR B 171 -13.78 6.43 -11.13
CA TYR B 171 -12.45 6.94 -11.45
C TYR B 171 -11.69 5.91 -12.28
N LEU B 172 -11.68 4.66 -11.81
CA LEU B 172 -10.98 3.59 -12.50
C LEU B 172 -11.69 3.22 -13.80
N ALA B 173 -13.02 3.28 -13.78
CA ALA B 173 -13.81 2.96 -14.97
C ALA B 173 -13.37 3.86 -16.11
N ASN B 174 -13.23 5.13 -15.83
CA ASN B 174 -12.80 6.09 -16.84
C ASN B 174 -11.32 5.94 -17.11
N GLU B 175 -10.53 6.00 -16.05
CA GLU B 175 -9.08 5.91 -16.15
C GLU B 175 -8.59 4.66 -16.87
N LEU B 176 -9.32 3.56 -16.76
CA LEU B 176 -8.90 2.33 -17.40
C LEU B 176 -9.79 1.92 -18.58
N LYS B 177 -10.68 2.82 -18.99
CA LYS B 177 -11.58 2.57 -20.11
C LYS B 177 -12.26 1.20 -19.93
N ALA B 178 -12.89 1.02 -18.78
CA ALA B 178 -13.58 -0.23 -18.47
C ALA B 178 -14.79 -0.40 -19.39
N ASP B 179 -15.04 -1.63 -19.81
CA ASP B 179 -16.17 -1.91 -20.69
C ASP B 179 -17.45 -2.06 -19.88
N LEU B 180 -17.36 -2.69 -18.71
CA LEU B 180 -18.55 -2.90 -17.89
C LEU B 180 -18.36 -2.60 -16.40
N ILE B 181 -19.30 -1.85 -15.84
CA ILE B 181 -19.28 -1.50 -14.43
C ILE B 181 -20.40 -2.29 -13.76
N LEU B 182 -20.08 -3.00 -12.68
CA LEU B 182 -21.08 -3.78 -11.98
C LEU B 182 -21.16 -3.41 -10.51
N TYR B 183 -22.37 -3.16 -10.03
CA TYR B 183 -22.59 -2.80 -8.64
C TYR B 183 -23.43 -3.85 -7.95
N ALA B 184 -22.78 -4.75 -7.22
CA ALA B 184 -23.50 -5.79 -6.49
C ALA B 184 -23.91 -5.18 -5.16
N THR B 185 -25.21 -5.14 -4.91
CA THR B 185 -25.73 -4.56 -3.67
C THR B 185 -26.80 -5.46 -3.07
N ASP B 186 -27.47 -4.98 -2.04
CA ASP B 186 -28.51 -5.77 -1.37
C ASP B 186 -29.92 -5.49 -1.88
N VAL B 187 -30.05 -4.70 -2.94
CA VAL B 187 -31.35 -4.39 -3.50
C VAL B 187 -31.41 -4.85 -4.95
N ASP B 188 -32.62 -5.03 -5.48
CA ASP B 188 -32.80 -5.49 -6.84
C ASP B 188 -32.41 -4.49 -7.92
N GLY B 189 -31.95 -3.32 -7.51
CA GLY B 189 -31.55 -2.30 -8.46
C GLY B 189 -31.80 -0.94 -7.86
N VAL B 190 -31.82 0.11 -8.68
CA VAL B 190 -32.10 1.45 -8.18
C VAL B 190 -33.60 1.50 -7.93
N LEU B 191 -33.99 1.72 -6.69
CA LEU B 191 -35.41 1.75 -6.36
C LEU B 191 -36.06 3.12 -6.36
N ILE B 192 -37.10 3.25 -7.18
CA ILE B 192 -37.88 4.48 -7.27
C ILE B 192 -39.27 4.03 -6.82
N ASP B 193 -39.74 4.56 -5.72
CA ASP B 193 -41.04 4.18 -5.16
C ASP B 193 -41.04 2.69 -4.86
N ASN B 194 -39.93 2.23 -4.29
CA ASN B 194 -39.74 0.84 -3.90
C ASN B 194 -39.76 -0.16 -5.05
N LYS B 195 -39.51 0.31 -6.26
CA LYS B 195 -39.49 -0.59 -7.41
C LYS B 195 -38.23 -0.38 -8.25
N PRO B 196 -37.57 -1.47 -8.64
CA PRO B 196 -36.35 -1.36 -9.45
C PRO B 196 -36.65 -0.91 -10.86
N ILE B 197 -36.01 0.17 -11.29
CA ILE B 197 -36.22 0.67 -12.63
C ILE B 197 -35.35 -0.15 -13.60
N LYS B 198 -35.93 -0.51 -14.73
CA LYS B 198 -35.24 -1.32 -15.73
C LYS B 198 -34.02 -0.63 -16.32
N ARG B 199 -34.14 0.66 -16.64
CA ARG B 199 -33.05 1.40 -17.24
C ARG B 199 -33.08 2.89 -16.92
N ILE B 200 -31.92 3.52 -16.98
CA ILE B 200 -31.80 4.96 -16.71
C ILE B 200 -30.97 5.58 -17.83
N ASP B 201 -31.63 6.37 -18.69
CA ASP B 201 -30.95 7.03 -19.81
C ASP B 201 -30.96 8.54 -19.66
N LYS B 202 -30.65 9.22 -20.76
CA LYS B 202 -30.62 10.68 -20.80
C LYS B 202 -32.06 11.21 -20.78
N ASN B 203 -33.02 10.29 -20.88
CA ASN B 203 -34.43 10.66 -20.88
C ASN B 203 -35.01 10.80 -19.48
N ASN B 204 -35.22 9.67 -18.80
CA ASN B 204 -35.78 9.67 -17.46
C ASN B 204 -34.82 10.14 -16.38
N ILE B 205 -33.56 10.36 -16.76
CA ILE B 205 -32.54 10.79 -15.81
C ILE B 205 -32.97 12.06 -15.08
N TYR B 206 -33.51 13.02 -15.81
CA TYR B 206 -33.94 14.29 -15.23
C TYR B 206 -34.90 14.11 -14.05
N LYS B 207 -35.96 13.34 -14.27
CA LYS B 207 -36.94 13.11 -13.20
C LYS B 207 -36.42 12.20 -12.09
N ILE B 208 -35.49 11.31 -12.41
CA ILE B 208 -34.93 10.41 -11.42
C ILE B 208 -34.02 11.15 -10.45
N LEU B 209 -33.29 12.14 -10.95
CA LEU B 209 -32.39 12.94 -10.12
C LEU B 209 -33.11 13.80 -9.10
N ASN B 210 -34.31 14.27 -9.42
CA ASN B 210 -35.06 15.10 -8.48
C ASN B 210 -35.65 14.22 -7.40
N TYR B 211 -36.13 13.05 -7.78
CA TYR B 211 -36.70 12.11 -6.81
C TYR B 211 -35.65 11.75 -5.77
N LEU B 212 -34.41 11.54 -6.21
CA LEU B 212 -33.32 11.18 -5.32
C LEU B 212 -32.76 12.43 -4.65
N GLY B 223 -27.84 6.95 -1.70
CA GLY B 223 -26.50 6.98 -2.26
C GLY B 223 -26.50 6.81 -3.76
N MET B 224 -27.55 6.18 -4.27
CA MET B 224 -27.69 5.95 -5.71
C MET B 224 -27.48 7.22 -6.51
N LYS B 225 -27.74 8.36 -5.89
CA LYS B 225 -27.58 9.64 -6.59
C LYS B 225 -26.10 9.90 -6.84
N TYR B 226 -25.33 10.04 -5.76
CA TYR B 226 -23.89 10.27 -5.87
C TYR B 226 -23.27 9.23 -6.79
N LYS B 227 -23.90 8.06 -6.83
CA LYS B 227 -23.44 6.94 -7.66
C LYS B 227 -23.84 7.15 -9.12
N ILE B 228 -25.12 7.45 -9.35
CA ILE B 228 -25.62 7.68 -10.70
C ILE B 228 -25.04 8.97 -11.26
N GLU B 229 -24.64 9.86 -10.36
CA GLU B 229 -24.06 11.15 -10.75
C GLU B 229 -22.74 10.98 -11.49
N MET B 230 -21.76 10.38 -10.82
CA MET B 230 -20.43 10.19 -11.40
C MET B 230 -20.38 9.21 -12.56
N ILE B 231 -21.27 8.22 -12.56
CA ILE B 231 -21.31 7.25 -13.65
C ILE B 231 -21.79 8.03 -14.88
N ARG B 232 -22.37 9.20 -14.61
CA ARG B 232 -22.89 10.11 -15.63
C ARG B 232 -21.77 11.04 -16.08
N LYS B 233 -20.98 11.51 -15.12
CA LYS B 233 -19.87 12.42 -15.41
C LYS B 233 -18.72 11.73 -16.12
N ASN B 234 -18.86 10.43 -16.35
CA ASN B 234 -17.83 9.64 -17.02
C ASN B 234 -18.42 8.81 -18.16
N LYS B 235 -19.67 9.10 -18.49
CA LYS B 235 -20.39 8.38 -19.54
C LYS B 235 -20.17 6.87 -19.44
N CYS B 236 -20.14 6.36 -18.21
CA CYS B 236 -19.97 4.93 -17.97
C CYS B 236 -21.26 4.18 -18.28
N ARG B 237 -21.19 2.87 -18.18
CA ARG B 237 -22.33 2.00 -18.41
C ARG B 237 -22.24 0.87 -17.39
N GLY B 238 -23.25 0.74 -16.54
CA GLY B 238 -23.23 -0.31 -15.54
C GLY B 238 -24.58 -0.84 -15.11
N PHE B 239 -24.55 -1.88 -14.29
CA PHE B 239 -25.78 -2.50 -13.79
C PHE B 239 -25.77 -2.50 -12.26
N VAL B 240 -26.91 -2.13 -11.67
CA VAL B 240 -27.05 -2.12 -10.22
C VAL B 240 -28.02 -3.25 -9.93
N PHE B 241 -27.52 -4.32 -9.33
CA PHE B 241 -28.34 -5.49 -9.04
C PHE B 241 -28.16 -6.03 -7.63
N ASN B 242 -28.90 -7.09 -7.32
CA ASN B 242 -28.85 -7.71 -6.01
C ASN B 242 -27.76 -8.77 -5.94
N GLY B 243 -26.71 -8.48 -5.17
CA GLY B 243 -25.60 -9.41 -5.03
C GLY B 243 -25.89 -10.56 -4.08
N ASN B 244 -26.99 -10.47 -3.34
CA ASN B 244 -27.36 -11.53 -2.40
C ASN B 244 -28.11 -12.67 -3.08
N LYS B 245 -28.58 -12.45 -4.30
CA LYS B 245 -29.31 -13.51 -5.00
C LYS B 245 -28.35 -14.42 -5.76
N ALA B 246 -28.40 -15.70 -5.43
CA ALA B 246 -27.55 -16.69 -6.06
C ALA B 246 -27.45 -16.53 -7.56
N ASN B 247 -26.22 -16.55 -8.06
CA ASN B 247 -25.91 -16.45 -9.48
C ASN B 247 -26.06 -15.10 -10.17
N ASN B 248 -26.54 -14.07 -9.47
CA ASN B 248 -26.66 -12.77 -10.09
C ASN B 248 -25.26 -12.28 -10.48
N ILE B 249 -24.33 -12.38 -9.53
CA ILE B 249 -22.97 -11.94 -9.79
C ILE B 249 -22.38 -12.73 -10.96
N TYR B 250 -22.54 -14.04 -10.94
CA TYR B 250 -22.02 -14.87 -12.02
C TYR B 250 -22.62 -14.42 -13.37
N LYS B 251 -23.94 -14.35 -13.41
CA LYS B 251 -24.64 -13.93 -14.63
C LYS B 251 -24.21 -12.55 -15.09
N ALA B 252 -24.08 -11.63 -14.13
CA ALA B 252 -23.67 -10.26 -14.44
C ALA B 252 -22.27 -10.17 -15.05
N LEU B 253 -21.36 -11.04 -14.59
CA LEU B 253 -20.00 -11.02 -15.11
C LEU B 253 -19.95 -11.58 -16.53
N LEU B 254 -20.97 -12.33 -16.91
CA LEU B 254 -21.04 -12.90 -18.25
C LEU B 254 -21.71 -11.94 -19.22
N GLY B 255 -21.79 -10.68 -18.83
CA GLY B 255 -22.39 -9.66 -19.68
C GLY B 255 -23.91 -9.62 -19.63
N GLU B 256 -24.51 -10.52 -18.85
CA GLU B 256 -25.97 -10.58 -18.73
C GLU B 256 -26.49 -9.41 -17.90
N VAL B 257 -27.63 -8.86 -18.31
CA VAL B 257 -28.23 -7.74 -17.60
C VAL B 257 -28.89 -8.23 -16.32
N GLU B 258 -28.67 -7.50 -15.23
CA GLU B 258 -29.27 -7.85 -13.94
C GLU B 258 -29.66 -6.54 -13.25
N GLY B 259 -30.83 -6.53 -12.63
CA GLY B 259 -31.29 -5.34 -11.94
C GLY B 259 -31.47 -4.12 -12.81
N THR B 260 -31.08 -2.96 -12.28
CA THR B 260 -31.20 -1.69 -12.98
C THR B 260 -29.99 -1.39 -13.87
N GLU B 261 -30.25 -1.21 -15.16
CA GLU B 261 -29.19 -0.89 -16.09
C GLU B 261 -29.09 0.62 -16.29
N ILE B 262 -27.87 1.14 -16.25
CA ILE B 262 -27.64 2.55 -16.44
C ILE B 262 -26.63 2.69 -17.56
N ASP B 263 -27.10 2.50 -18.79
CA ASP B 263 -26.22 2.59 -19.97
C ASP B 263 -26.12 3.99 -20.55
N PHE B 264 -25.26 4.80 -19.94
CA PHE B 264 -25.05 6.16 -20.40
C PHE B 264 -23.99 6.11 -21.51
N SER B 265 -24.33 5.44 -22.60
CA SER B 265 -23.44 5.27 -23.75
C SER B 265 -22.14 4.62 -23.31
HG HG C . 19.88 13.83 -0.88
S SO4 D . 13.20 -11.35 21.66
O1 SO4 D . 14.29 -10.98 20.74
O2 SO4 D . 13.62 -12.52 22.46
O3 SO4 D . 12.92 -10.23 22.56
O4 SO4 D . 11.99 -11.69 20.89
S SO4 E . 21.01 -3.27 5.36
O1 SO4 E . 21.92 -3.62 4.26
O2 SO4 E . 19.92 -4.27 5.45
O3 SO4 E . 21.77 -3.25 6.62
O4 SO4 E . 20.41 -1.93 5.11
S SO4 F . 15.94 -4.74 2.55
O1 SO4 F . 16.46 -5.97 3.17
O2 SO4 F . 15.55 -3.78 3.59
O3 SO4 F . 14.76 -5.08 1.72
O4 SO4 F . 16.99 -4.14 1.70
HG HG G . -16.72 4.93 -18.21
S SO4 H . -22.33 -16.46 8.24
O1 SO4 H . -21.03 -16.13 8.89
O2 SO4 H . -23.09 -15.21 8.06
O3 SO4 H . -22.07 -17.10 6.94
O4 SO4 H . -23.10 -17.39 9.10
S SO4 I . -23.73 -0.51 -1.76
O1 SO4 I . -22.78 -0.03 -2.80
O2 SO4 I . -24.12 -1.89 -2.06
O3 SO4 I . -23.10 -0.46 -0.44
O4 SO4 I . -24.93 0.35 -1.78
S SO4 J . -17.91 1.97 0.61
O1 SO4 J . -18.72 3.20 0.55
O2 SO4 J . -18.19 1.27 1.88
O3 SO4 J . -18.26 1.10 -0.53
O4 SO4 J . -16.48 2.31 0.53
S SO4 K . -24.30 -15.13 5.18
O1 SO4 K . -22.85 -15.17 5.00
O2 SO4 K . -24.76 -16.42 5.73
O3 SO4 K . -24.65 -14.05 6.13
O4 SO4 K . -24.96 -14.88 3.89
#